data_7O62
#
_entry.id   7O62
#
_cell.length_a   55.165
_cell.length_b   86.366
_cell.length_c   140.930
_cell.angle_alpha   90.000
_cell.angle_beta   90.000
_cell.angle_gamma   90.000
#
_symmetry.space_group_name_H-M   'P 21 21 21'
#
loop_
_entity.id
_entity.type
_entity.pdbx_description
1 polymer 'Chains: A,B,C,D'
2 non-polymer GLYCEROL
3 water water
#
_entity_poly.entity_id   1
_entity_poly.type   'polypeptide(L)'
_entity_poly.pdbx_seq_one_letter_code
;MDNLSFRPKLYLAAPLFNEAEKESNRNIRDSLIDCCDVFLPQEDGLLLDELVSLGTPLKVAEKSIYEADISAMKNADILL
AVLDGACIDDGVAFELGYAKAINKVCLGFQTDVRRQAPTGNNPMIECSCEEIFSDLGSLKKWLQQKYNKLS
;
_entity_poly.pdbx_strand_id   A,B,C,D
#
# COMPACT_ATOMS: atom_id res chain seq x y z
N SER A 5 -12.42 12.10 -38.45
CA SER A 5 -11.90 12.06 -37.08
C SER A 5 -10.64 12.90 -36.86
N PHE A 6 -10.38 13.21 -35.59
CA PHE A 6 -9.31 14.08 -35.14
C PHE A 6 -8.25 13.27 -34.38
N ARG A 7 -7.31 13.95 -33.75
CA ARG A 7 -6.37 13.24 -32.88
C ARG A 7 -7.12 12.67 -31.67
N PRO A 8 -6.90 11.41 -31.31
CA PRO A 8 -7.61 10.82 -30.17
C PRO A 8 -7.20 11.48 -28.85
N LYS A 9 -8.03 11.21 -27.86
CA LYS A 9 -8.15 12.01 -26.63
C LYS A 9 -7.64 11.13 -25.49
N LEU A 10 -6.42 11.34 -25.02
CA LEU A 10 -5.86 10.48 -23.98
C LEU A 10 -5.86 11.21 -22.64
N TYR A 11 -6.48 10.62 -21.63
CA TYR A 11 -6.45 11.09 -20.25
C TYR A 11 -5.48 10.19 -19.46
N LEU A 12 -4.52 10.79 -18.74
CA LEU A 12 -3.45 10.04 -18.08
C LEU A 12 -3.76 9.92 -16.60
N ALA A 13 -4.27 8.76 -16.21
CA ALA A 13 -4.49 8.44 -14.82
C ALA A 13 -3.18 7.92 -14.24
N ALA A 14 -2.55 8.72 -13.36
CA ALA A 14 -1.26 8.34 -12.79
C ALA A 14 -0.99 8.96 -11.43
N PRO A 15 -0.32 8.23 -10.52
CA PRO A 15 0.10 8.85 -9.25
C PRO A 15 1.04 10.00 -9.51
N LEU A 16 0.88 11.07 -8.72
CA LEU A 16 1.60 12.32 -8.95
C LEU A 16 2.14 12.93 -7.64
N PHE A 17 2.57 12.09 -6.70
CA PHE A 17 2.78 12.52 -5.33
C PHE A 17 4.23 12.88 -4.99
N ASN A 18 5.21 12.49 -5.80
CA ASN A 18 6.57 12.97 -5.64
C ASN A 18 7.11 13.45 -6.98
N GLU A 19 8.38 13.88 -6.98
CA GLU A 19 8.97 14.47 -8.18
C GLU A 19 9.34 13.43 -9.23
N ALA A 20 9.68 12.21 -8.80
CA ALA A 20 9.85 11.12 -9.75
C ALA A 20 8.57 10.86 -10.53
N GLU A 21 7.44 10.74 -9.83
CA GLU A 21 6.20 10.40 -10.53
C GLU A 21 5.82 11.51 -11.50
N LYS A 22 6.05 12.76 -11.10
CA LYS A 22 5.65 13.88 -11.93
C LYS A 22 6.49 13.94 -13.20
N GLU A 23 7.80 13.68 -13.08
CA GLU A 23 8.65 13.61 -14.26
C GLU A 23 8.27 12.44 -15.15
N SER A 24 8.10 11.26 -14.54
CA SER A 24 7.61 10.09 -15.26
C SER A 24 6.37 10.41 -16.09
N ASN A 25 5.44 11.17 -15.53
CA ASN A 25 4.22 11.44 -16.28
C ASN A 25 4.49 12.41 -17.42
N ARG A 26 5.34 13.43 -17.20
CA ARG A 26 5.73 14.31 -18.29
C ARG A 26 6.39 13.52 -19.41
N ASN A 27 7.22 12.51 -19.06
CA ASN A 27 7.84 11.68 -20.07
C ASN A 27 6.79 10.93 -20.90
N ILE A 28 5.75 10.40 -20.26
CA ILE A 28 4.71 9.70 -21.00
C ILE A 28 4.00 10.65 -21.96
N ARG A 29 3.62 11.83 -21.45
CA ARG A 29 2.93 12.82 -22.27
C ARG A 29 3.75 13.20 -23.50
N ASP A 30 5.04 13.49 -23.30
CA ASP A 30 5.83 13.97 -24.42
C ASP A 30 6.00 12.91 -25.49
N SER A 31 5.91 11.63 -25.13
CA SER A 31 6.07 10.63 -26.18
C SER A 31 4.78 10.40 -26.95
N LEU A 32 3.63 10.78 -26.39
CA LEU A 32 2.36 10.51 -27.04
C LEU A 32 1.84 11.69 -27.84
N ILE A 33 2.38 12.89 -27.61
CA ILE A 33 1.80 14.15 -28.08
C ILE A 33 1.84 14.23 -29.61
N ASP A 34 2.33 13.18 -30.26
CA ASP A 34 2.15 13.03 -31.70
C ASP A 34 0.88 12.24 -32.04
N CYS A 35 0.61 11.17 -31.31
CA CYS A 35 -0.68 10.48 -31.46
C CYS A 35 -1.83 11.37 -31.00
N CYS A 36 -1.77 11.81 -29.76
CA CYS A 36 -2.97 12.19 -29.02
C CYS A 36 -2.81 13.52 -28.29
N ASP A 37 -3.92 14.24 -28.19
CA ASP A 37 -4.11 15.27 -27.16
C ASP A 37 -4.06 14.57 -25.81
N VAL A 38 -3.17 14.99 -24.93
CA VAL A 38 -2.99 14.35 -23.64
C VAL A 38 -3.41 15.30 -22.53
N PHE A 39 -4.31 14.84 -21.66
CA PHE A 39 -4.62 15.56 -20.43
C PHE A 39 -3.76 15.01 -19.30
N LEU A 40 -2.91 15.85 -18.70
CA LEU A 40 -2.20 15.51 -17.47
C LEU A 40 -2.87 16.21 -16.29
N PRO A 41 -3.50 15.48 -15.39
CA PRO A 41 -4.04 16.12 -14.16
C PRO A 41 -3.05 17.05 -13.44
N GLN A 42 -1.77 16.69 -13.36
CA GLN A 42 -0.87 17.51 -12.54
C GLN A 42 -0.64 18.90 -13.13
N GLU A 43 -0.90 19.11 -14.42
CA GLU A 43 -0.74 20.42 -15.03
C GLU A 43 -2.06 21.13 -15.31
N ASP A 44 -3.11 20.39 -15.65
CA ASP A 44 -4.40 21.02 -15.92
C ASP A 44 -5.36 20.78 -14.75
N LEU A 54 -2.25 29.18 -2.66
CA LEU A 54 -3.01 28.69 -1.50
C LEU A 54 -4.09 29.68 -1.09
N GLY A 55 -4.66 29.47 0.09
CA GLY A 55 -5.80 30.25 0.53
C GLY A 55 -7.08 29.57 0.08
N THR A 56 -7.12 28.25 0.25
CA THR A 56 -8.17 27.42 -0.36
C THR A 56 -8.77 26.51 0.71
N PRO A 57 -10.08 26.59 0.96
CA PRO A 57 -10.69 25.68 1.95
C PRO A 57 -10.78 24.28 1.37
N LEU A 58 -10.36 23.30 2.19
CA LEU A 58 -10.08 21.96 1.68
C LEU A 58 -11.24 21.40 0.88
N LYS A 59 -12.46 21.52 1.41
CA LYS A 59 -13.59 20.78 0.83
C LYS A 59 -13.90 21.25 -0.59
N VAL A 60 -13.85 22.57 -0.82
CA VAL A 60 -14.08 23.08 -2.17
C VAL A 60 -12.87 22.87 -3.08
N ALA A 61 -11.68 22.72 -2.51
CA ALA A 61 -10.52 22.35 -3.30
C ALA A 61 -10.69 20.95 -3.87
N GLU A 62 -10.90 19.95 -3.00
CA GLU A 62 -11.13 18.59 -3.46
C GLU A 62 -12.24 18.55 -4.49
N LYS A 63 -13.32 19.31 -4.28
CA LYS A 63 -14.45 19.29 -5.21
C LYS A 63 -14.02 19.74 -6.61
N SER A 64 -13.21 20.79 -6.70
CA SER A 64 -12.82 21.34 -8.00
C SER A 64 -11.83 20.45 -8.73
N ILE A 65 -10.84 19.92 -8.00
CA ILE A 65 -9.95 18.91 -8.58
C ILE A 65 -10.76 17.73 -9.10
N TYR A 66 -11.69 17.25 -8.27
CA TYR A 66 -12.55 16.13 -8.63
C TYR A 66 -13.39 16.44 -9.87
N GLU A 67 -14.14 17.55 -9.84
CA GLU A 67 -15.04 17.88 -10.94
C GLU A 67 -14.29 18.01 -12.25
N ALA A 68 -13.09 18.62 -12.22
CA ALA A 68 -12.34 18.81 -13.45
C ALA A 68 -11.87 17.47 -14.02
N ASP A 69 -11.46 16.54 -13.14
CA ASP A 69 -11.00 15.25 -13.61
C ASP A 69 -12.15 14.44 -14.20
N ILE A 70 -13.30 14.43 -13.51
CA ILE A 70 -14.52 13.84 -14.09
C ILE A 70 -14.76 14.42 -15.47
N SER A 71 -14.74 15.76 -15.57
CA SER A 71 -15.06 16.38 -16.85
C SER A 71 -14.04 16.02 -17.90
N ALA A 72 -12.75 16.01 -17.53
CA ALA A 72 -11.75 15.63 -18.51
C ALA A 72 -11.97 14.18 -18.94
N MET A 73 -12.33 13.32 -17.99
CA MET A 73 -12.50 11.91 -18.31
C MET A 73 -13.67 11.73 -19.27
N LYS A 74 -14.78 12.41 -19.00
CA LYS A 74 -15.90 12.36 -19.95
C LYS A 74 -15.49 12.82 -21.35
N ASN A 75 -14.56 13.77 -21.44
CA ASN A 75 -14.16 14.31 -22.73
C ASN A 75 -13.08 13.48 -23.43
N ALA A 76 -12.54 12.45 -22.76
CA ALA A 76 -11.49 11.65 -23.38
C ALA A 76 -12.09 10.55 -24.25
N ASP A 77 -11.28 10.08 -25.19
CA ASP A 77 -11.53 8.81 -25.84
C ASP A 77 -10.78 7.69 -25.13
N ILE A 78 -9.61 8.00 -24.58
CA ILE A 78 -8.70 6.99 -24.05
C ILE A 78 -8.36 7.37 -22.63
N LEU A 79 -8.47 6.40 -21.73
CA LEU A 79 -7.90 6.48 -20.39
C LEU A 79 -6.72 5.51 -20.33
N LEU A 80 -5.55 6.07 -20.01
CA LEU A 80 -4.32 5.33 -19.80
C LEU A 80 -3.99 5.37 -18.31
N ALA A 81 -4.00 4.19 -17.67
CA ALA A 81 -3.83 4.06 -16.24
C ALA A 81 -2.44 3.51 -15.94
N VAL A 82 -1.63 4.31 -15.25
CA VAL A 82 -0.29 3.89 -14.87
C VAL A 82 -0.43 3.04 -13.61
N LEU A 83 -0.09 1.76 -13.70
CA LEU A 83 -0.35 0.81 -12.64
C LEU A 83 0.83 0.62 -11.69
N ASP A 84 1.91 1.39 -11.84
CA ASP A 84 3.15 1.18 -11.09
C ASP A 84 3.00 1.66 -9.63
N GLY A 85 3.84 1.13 -8.76
CA GLY A 85 3.89 1.55 -7.37
C GLY A 85 3.75 0.39 -6.40
N ALA A 86 3.95 0.72 -5.10
CA ALA A 86 3.75 -0.27 -4.04
C ALA A 86 2.32 -0.76 -4.01
N CYS A 87 1.34 0.15 -4.15
CA CYS A 87 -0.05 -0.19 -4.41
C CYS A 87 -0.46 0.49 -5.71
N ILE A 88 -1.42 -0.07 -6.43
CA ILE A 88 -2.00 0.69 -7.52
C ILE A 88 -2.73 1.88 -6.93
N ASP A 89 -2.42 3.08 -7.41
CA ASP A 89 -3.00 4.27 -6.78
C ASP A 89 -4.52 4.21 -6.81
N ASP A 90 -5.14 4.56 -5.68
CA ASP A 90 -6.60 4.46 -5.61
C ASP A 90 -7.28 5.52 -6.48
N GLY A 91 -6.64 6.68 -6.66
CA GLY A 91 -7.15 7.64 -7.64
C GLY A 91 -7.16 7.06 -9.04
N VAL A 92 -6.07 6.36 -9.40
CA VAL A 92 -5.99 5.77 -10.74
C VAL A 92 -7.06 4.70 -10.92
N ALA A 93 -7.20 3.82 -9.94
CA ALA A 93 -8.18 2.74 -10.02
C ALA A 93 -9.61 3.27 -10.07
N PHE A 94 -9.93 4.31 -9.30
CA PHE A 94 -11.22 4.96 -9.45
C PHE A 94 -11.45 5.41 -10.90
N GLU A 95 -10.49 6.17 -11.44
CA GLU A 95 -10.66 6.73 -12.79
C GLU A 95 -10.83 5.62 -13.83
N LEU A 96 -10.12 4.51 -13.67
CA LEU A 96 -10.28 3.41 -14.61
C LEU A 96 -11.71 2.86 -14.55
N GLY A 97 -12.20 2.57 -13.36
CA GLY A 97 -13.57 2.11 -13.26
C GLY A 97 -14.57 3.09 -13.83
N TYR A 98 -14.41 4.38 -13.52
CA TYR A 98 -15.35 5.37 -14.03
C TYR A 98 -15.30 5.42 -15.56
N ALA A 99 -14.10 5.53 -16.15
CA ALA A 99 -13.98 5.52 -17.60
C ALA A 99 -14.51 4.22 -18.21
N LYS A 100 -14.29 3.10 -17.56
CA LYS A 100 -14.73 1.84 -18.13
C LYS A 100 -16.24 1.78 -18.18
N ALA A 101 -16.90 2.21 -17.09
CA ALA A 101 -18.36 2.24 -17.06
C ALA A 101 -18.96 3.15 -18.13
N ILE A 102 -18.28 4.23 -18.53
CA ILE A 102 -18.83 5.06 -19.63
C ILE A 102 -18.17 4.70 -20.96
N ASN A 103 -17.61 3.49 -21.07
CA ASN A 103 -17.27 2.88 -22.33
C ASN A 103 -16.13 3.57 -23.05
N LYS A 104 -15.20 4.19 -22.33
CA LYS A 104 -13.96 4.62 -22.97
C LYS A 104 -13.07 3.42 -23.29
N VAL A 105 -12.08 3.66 -24.16
CA VAL A 105 -10.95 2.76 -24.29
C VAL A 105 -10.06 2.84 -23.06
N CYS A 106 -9.91 1.72 -22.36
CA CYS A 106 -9.10 1.64 -21.14
C CYS A 106 -7.85 0.79 -21.39
N LEU A 107 -6.68 1.43 -21.30
CA LEU A 107 -5.39 0.77 -21.39
C LEU A 107 -4.62 0.91 -20.09
N GLY A 108 -3.72 -0.03 -19.86
CA GLY A 108 -2.84 0.03 -18.70
C GLY A 108 -1.40 0.22 -19.16
N PHE A 109 -0.61 0.87 -18.31
CA PHE A 109 0.83 0.95 -18.47
C PHE A 109 1.47 0.49 -17.16
N GLN A 110 2.42 -0.43 -17.26
CA GLN A 110 2.96 -1.05 -16.05
C GLN A 110 4.40 -1.47 -16.29
N THR A 111 5.30 -0.97 -15.44
CA THR A 111 6.70 -1.31 -15.51
C THR A 111 7.18 -1.94 -14.21
N ASP A 112 6.36 -1.95 -13.18
CA ASP A 112 6.74 -2.51 -11.89
C ASP A 112 6.89 -4.03 -11.98
N VAL A 113 7.84 -4.58 -11.20
CA VAL A 113 7.85 -6.04 -11.06
C VAL A 113 6.81 -6.52 -10.07
N ARG A 114 6.25 -5.62 -9.26
CA ARG A 114 5.34 -6.00 -8.18
C ARG A 114 3.92 -6.18 -8.70
N ARG A 115 3.15 -7.00 -7.98
CA ARG A 115 1.73 -7.20 -8.24
C ARG A 115 1.00 -7.22 -6.91
N GLN A 116 -0.35 -7.21 -7.00
CA GLN A 116 -1.17 -7.40 -5.81
C GLN A 116 -0.84 -8.72 -5.13
N ALA A 117 -1.06 -9.82 -5.83
CA ALA A 117 -0.81 -11.19 -5.38
C ALA A 117 0.06 -11.85 -6.44
N PRO A 118 0.59 -13.05 -6.15
CA PRO A 118 1.34 -13.79 -7.18
C PRO A 118 0.53 -14.14 -8.42
N THR A 119 -0.79 -14.01 -8.38
CA THR A 119 -1.63 -14.31 -9.54
C THR A 119 -1.77 -13.14 -10.52
N GLY A 120 -1.15 -12.00 -10.23
CA GLY A 120 -1.20 -10.84 -11.10
C GLY A 120 -1.96 -9.69 -10.46
N ASN A 121 -2.32 -8.73 -11.30
CA ASN A 121 -3.15 -7.64 -10.83
C ASN A 121 -4.52 -8.14 -10.39
N ASN A 122 -5.18 -7.34 -9.56
CA ASN A 122 -6.57 -7.61 -9.21
C ASN A 122 -7.40 -7.75 -10.49
N PRO A 123 -8.29 -8.75 -10.56
CA PRO A 123 -9.04 -8.98 -11.82
C PRO A 123 -9.80 -7.77 -12.33
N MET A 124 -10.22 -6.86 -11.46
CA MET A 124 -10.94 -5.69 -11.96
C MET A 124 -10.04 -4.81 -12.78
N ILE A 125 -8.81 -4.55 -12.30
CA ILE A 125 -7.83 -3.83 -13.11
C ILE A 125 -7.47 -4.64 -14.35
N GLU A 126 -7.18 -5.93 -14.18
CA GLU A 126 -6.64 -6.75 -15.27
C GLU A 126 -7.65 -6.94 -16.39
N CYS A 127 -8.91 -7.16 -16.04
CA CYS A 127 -9.93 -7.38 -17.05
C CYS A 127 -10.53 -6.08 -17.57
N SER A 128 -10.30 -4.96 -16.92
CA SER A 128 -10.90 -3.76 -17.49
C SER A 128 -9.98 -3.08 -18.49
N CYS A 129 -8.66 -3.23 -18.35
CA CYS A 129 -7.75 -2.75 -19.39
C CYS A 129 -7.81 -3.67 -20.60
N GLU A 130 -8.14 -3.09 -21.75
CA GLU A 130 -8.06 -3.83 -23.01
C GLU A 130 -6.66 -4.39 -23.25
N GLU A 131 -5.63 -3.59 -23.01
CA GLU A 131 -4.25 -4.08 -22.99
C GLU A 131 -3.48 -3.36 -21.90
N ILE A 132 -2.49 -4.05 -21.36
CA ILE A 132 -1.49 -3.43 -20.49
C ILE A 132 -0.16 -3.48 -21.21
N PHE A 133 0.50 -2.33 -21.33
CA PHE A 133 1.78 -2.22 -21.99
C PHE A 133 2.90 -2.03 -20.98
N SER A 134 4.09 -2.48 -21.35
CA SER A 134 5.25 -2.29 -20.51
C SER A 134 6.29 -1.36 -21.11
N ASP A 135 6.04 -0.80 -22.31
CA ASP A 135 6.96 0.17 -22.91
C ASP A 135 6.15 1.11 -23.82
N LEU A 136 6.56 2.38 -23.84
CA LEU A 136 5.76 3.40 -24.51
C LEU A 136 5.70 3.15 -26.01
N GLY A 137 6.85 2.78 -26.61
CA GLY A 137 6.86 2.57 -28.05
C GLY A 137 5.76 1.65 -28.51
N SER A 138 5.65 0.47 -27.88
CA SER A 138 4.61 -0.48 -28.26
C SER A 138 3.22 0.12 -28.06
N LEU A 139 2.99 0.73 -26.89
CA LEU A 139 1.72 1.41 -26.63
C LEU A 139 1.41 2.44 -27.70
N LYS A 140 2.37 3.30 -28.03
CA LYS A 140 2.11 4.36 -29.00
C LYS A 140 1.77 3.77 -30.37
N LYS A 141 2.61 2.86 -30.84
CA LYS A 141 2.35 2.16 -32.10
C LYS A 141 1.00 1.44 -32.09
N TRP A 142 0.66 0.80 -30.97
CA TRP A 142 -0.62 0.11 -30.88
C TRP A 142 -1.78 1.08 -31.10
N LEU A 143 -1.72 2.24 -30.44
CA LEU A 143 -2.76 3.24 -30.64
C LEU A 143 -2.78 3.68 -32.08
N GLN A 144 -1.61 3.76 -32.71
CA GLN A 144 -1.53 4.19 -34.10
C GLN A 144 -2.26 3.22 -35.03
N GLN A 145 -2.09 1.91 -34.80
CA GLN A 145 -2.80 0.94 -35.62
C GLN A 145 -4.30 1.05 -35.41
N LYS A 146 -4.74 1.26 -34.16
CA LYS A 146 -6.18 1.33 -33.91
C LYS A 146 -6.83 2.51 -34.60
N TYR A 147 -6.14 3.64 -34.74
CA TYR A 147 -6.76 4.84 -35.27
C TYR A 147 -6.23 5.30 -36.64
N ASN A 148 -5.26 4.59 -37.22
CA ASN A 148 -4.64 4.98 -38.51
C ASN A 148 -4.14 6.43 -38.57
N SER B 5 -41.79 -2.25 3.60
CA SER B 5 -40.51 -1.73 4.06
C SER B 5 -39.69 -1.13 2.93
N PHE B 6 -39.63 -1.86 1.82
CA PHE B 6 -38.66 -1.66 0.74
C PHE B 6 -37.23 -1.92 1.22
N ARG B 7 -36.63 -3.00 0.73
CA ARG B 7 -35.27 -3.35 1.10
C ARG B 7 -34.32 -2.91 0.01
N PRO B 8 -33.56 -1.82 0.19
CA PRO B 8 -32.60 -1.41 -0.83
C PRO B 8 -31.52 -2.47 -1.03
N LYS B 9 -30.97 -2.51 -2.23
CA LYS B 9 -29.91 -3.45 -2.55
C LYS B 9 -28.54 -2.81 -2.36
N LEU B 10 -27.69 -3.47 -1.59
CA LEU B 10 -26.36 -2.96 -1.26
C LEU B 10 -25.30 -3.94 -1.74
N TYR B 11 -24.24 -3.36 -2.32
CA TYR B 11 -23.05 -4.08 -2.76
C TYR B 11 -21.87 -3.68 -1.88
N LEU B 12 -21.31 -4.65 -1.15
CA LEU B 12 -20.16 -4.38 -0.29
C LEU B 12 -18.89 -4.56 -1.12
N ALA B 13 -18.18 -3.47 -1.37
CA ALA B 13 -16.87 -3.49 -2.01
C ALA B 13 -15.82 -3.42 -0.89
N ALA B 14 -14.99 -4.46 -0.79
CA ALA B 14 -14.13 -4.55 0.39
C ALA B 14 -12.98 -5.51 0.14
N PRO B 15 -11.79 -5.23 0.69
CA PRO B 15 -10.69 -6.20 0.55
C PRO B 15 -11.08 -7.48 1.27
N LEU B 16 -10.61 -8.59 0.73
CA LEU B 16 -11.03 -9.91 1.20
C LEU B 16 -9.86 -10.89 1.10
N PHE B 17 -8.66 -10.43 1.43
CA PHE B 17 -7.47 -11.23 1.16
C PHE B 17 -6.95 -12.02 2.36
N ASN B 18 -7.44 -11.75 3.57
CA ASN B 18 -7.08 -12.52 4.76
C ASN B 18 -8.32 -12.64 5.66
N GLU B 19 -8.24 -13.54 6.62
CA GLU B 19 -9.44 -13.89 7.40
C GLU B 19 -9.95 -12.73 8.25
N ALA B 20 -9.05 -11.90 8.80
CA ALA B 20 -9.51 -10.68 9.47
C ALA B 20 -10.34 -9.82 8.53
N GLU B 21 -9.91 -9.66 7.28
CA GLU B 21 -10.71 -8.89 6.36
C GLU B 21 -12.05 -9.59 6.09
N LYS B 22 -12.03 -10.92 5.95
CA LYS B 22 -13.26 -11.64 5.59
C LYS B 22 -14.22 -11.70 6.77
N GLU B 23 -13.69 -11.90 7.98
CA GLU B 23 -14.56 -11.85 9.15
C GLU B 23 -15.10 -10.44 9.36
N SER B 24 -14.35 -9.42 8.97
CA SER B 24 -14.86 -8.08 9.19
C SER B 24 -15.95 -7.71 8.17
N ASN B 25 -15.87 -8.22 6.94
CA ASN B 25 -16.96 -7.99 5.98
C ASN B 25 -18.24 -8.68 6.40
N ARG B 26 -18.13 -9.91 6.93
CA ARG B 26 -19.32 -10.59 7.46
C ARG B 26 -19.98 -9.74 8.54
N ASN B 27 -19.19 -9.17 9.44
CA ASN B 27 -19.75 -8.34 10.50
C ASN B 27 -20.56 -7.19 9.92
N ILE B 28 -20.01 -6.50 8.93
CA ILE B 28 -20.74 -5.40 8.32
C ILE B 28 -22.03 -5.89 7.69
N ARG B 29 -21.97 -7.06 7.04
CA ARG B 29 -23.15 -7.60 6.37
C ARG B 29 -24.24 -7.97 7.38
N ASP B 30 -23.86 -8.68 8.45
CA ASP B 30 -24.84 -9.09 9.45
C ASP B 30 -25.49 -7.89 10.12
N SER B 31 -24.78 -6.77 10.19
CA SER B 31 -25.29 -5.55 10.77
C SER B 31 -26.34 -4.87 9.88
N LEU B 32 -26.33 -5.14 8.58
CA LEU B 32 -27.22 -4.46 7.63
C LEU B 32 -28.39 -5.33 7.16
N ILE B 33 -28.44 -6.60 7.57
CA ILE B 33 -29.34 -7.54 6.92
C ILE B 33 -30.80 -7.25 7.24
N ASP B 34 -31.09 -6.71 8.43
CA ASP B 34 -32.47 -6.32 8.70
C ASP B 34 -32.89 -5.07 7.95
N CYS B 35 -31.96 -4.38 7.28
CA CYS B 35 -32.25 -3.22 6.43
C CYS B 35 -32.29 -3.59 4.95
N CYS B 36 -31.22 -4.20 4.46
CA CYS B 36 -30.92 -4.17 3.04
C CYS B 36 -30.51 -5.58 2.61
N ASP B 37 -30.78 -5.89 1.35
CA ASP B 37 -30.20 -7.07 0.74
C ASP B 37 -28.73 -6.77 0.47
N VAL B 38 -27.85 -7.71 0.77
CA VAL B 38 -26.42 -7.43 0.71
C VAL B 38 -25.75 -8.43 -0.21
N PHE B 39 -25.08 -7.95 -1.24
CA PHE B 39 -24.22 -8.81 -2.03
C PHE B 39 -22.81 -8.77 -1.45
N LEU B 40 -22.26 -9.96 -1.18
CA LEU B 40 -20.92 -10.10 -0.59
C LEU B 40 -20.03 -10.79 -1.60
N PRO B 41 -19.08 -10.11 -2.23
CA PRO B 41 -18.26 -10.78 -3.25
C PRO B 41 -17.56 -12.03 -2.75
N GLN B 42 -17.14 -12.06 -1.48
CA GLN B 42 -16.39 -13.20 -0.97
C GLN B 42 -17.24 -14.44 -0.82
N GLU B 43 -18.56 -14.27 -0.75
CA GLU B 43 -19.50 -15.38 -0.64
C GLU B 43 -20.18 -15.70 -1.96
N ASP B 44 -19.89 -14.94 -3.00
CA ASP B 44 -20.40 -15.19 -4.34
C ASP B 44 -19.50 -16.21 -5.02
N GLY B 45 -19.87 -17.48 -4.95
CA GLY B 45 -19.15 -18.62 -5.49
C GLY B 45 -17.72 -18.44 -5.98
N LEU B 46 -17.50 -17.44 -6.82
CA LEU B 46 -16.21 -17.26 -7.46
C LEU B 46 -15.26 -16.48 -6.54
N LEU B 47 -14.19 -17.14 -6.13
CA LEU B 47 -13.07 -16.55 -5.40
C LEU B 47 -11.78 -17.05 -6.04
N LEU B 48 -10.81 -16.15 -6.21
CA LEU B 48 -9.72 -16.41 -7.15
C LEU B 48 -8.87 -17.61 -6.75
N ASP B 49 -8.19 -17.53 -5.60
CA ASP B 49 -7.17 -18.50 -5.25
C ASP B 49 -7.69 -19.93 -5.15
N GLU B 50 -9.00 -20.13 -5.10
CA GLU B 50 -9.55 -21.50 -5.06
C GLU B 50 -9.56 -22.11 -6.46
N PRO B 57 -7.31 -22.52 -14.52
CA PRO B 57 -8.39 -21.64 -14.96
C PRO B 57 -8.09 -20.14 -14.72
N LEU B 58 -6.86 -19.68 -14.96
CA LEU B 58 -6.44 -18.37 -14.44
C LEU B 58 -7.21 -17.22 -15.07
N LYS B 59 -7.03 -16.99 -16.37
CA LYS B 59 -7.70 -15.84 -16.98
C LYS B 59 -9.21 -16.04 -17.10
N VAL B 60 -9.69 -17.29 -17.00
CA VAL B 60 -11.13 -17.51 -17.05
C VAL B 60 -11.76 -17.27 -15.68
N ALA B 61 -11.07 -17.68 -14.61
CA ALA B 61 -11.51 -17.31 -13.26
C ALA B 61 -11.52 -15.80 -13.09
N GLU B 62 -10.45 -15.13 -13.54
CA GLU B 62 -10.42 -13.67 -13.50
C GLU B 62 -11.64 -13.08 -14.21
N LYS B 63 -11.88 -13.53 -15.45
CA LYS B 63 -13.00 -13.01 -16.22
C LYS B 63 -14.32 -13.33 -15.54
N SER B 64 -14.44 -14.53 -14.96
CA SER B 64 -15.67 -14.91 -14.26
C SER B 64 -15.89 -14.04 -13.02
N ILE B 65 -14.83 -13.80 -12.26
CA ILE B 65 -14.94 -12.92 -11.11
C ILE B 65 -15.39 -11.53 -11.55
N TYR B 66 -14.69 -10.98 -12.56
CA TYR B 66 -14.96 -9.65 -13.08
C TYR B 66 -16.44 -9.46 -13.45
N GLU B 67 -16.95 -10.34 -14.32
CA GLU B 67 -18.32 -10.18 -14.79
C GLU B 67 -19.33 -10.34 -13.66
N ALA B 68 -19.05 -11.25 -12.72
CA ALA B 68 -19.97 -11.46 -11.62
C ALA B 68 -20.05 -10.19 -10.77
N ASP B 69 -18.91 -9.52 -10.60
CA ASP B 69 -18.91 -8.31 -9.81
C ASP B 69 -19.60 -7.17 -10.55
N ILE B 70 -19.43 -7.10 -11.87
CA ILE B 70 -20.06 -6.03 -12.65
C ILE B 70 -21.57 -6.16 -12.58
N SER B 71 -22.11 -7.34 -12.91
CA SER B 71 -23.51 -7.68 -12.65
C SER B 71 -24.00 -7.17 -11.30
N ALA B 72 -23.38 -7.68 -10.23
CA ALA B 72 -23.85 -7.38 -8.88
C ALA B 72 -23.85 -5.89 -8.62
N MET B 73 -22.85 -5.18 -9.14
CA MET B 73 -22.87 -3.73 -9.04
C MET B 73 -24.05 -3.16 -9.83
N LYS B 74 -24.28 -3.66 -11.03
CA LYS B 74 -25.39 -3.08 -11.79
C LYS B 74 -26.72 -3.35 -11.08
N ASN B 75 -26.83 -4.49 -10.39
CA ASN B 75 -28.08 -4.84 -9.75
C ASN B 75 -28.30 -4.06 -8.45
N ALA B 76 -27.26 -3.49 -7.88
CA ALA B 76 -27.40 -2.90 -6.57
C ALA B 76 -27.94 -1.48 -6.68
N ASP B 77 -28.56 -1.02 -5.58
CA ASP B 77 -28.83 0.40 -5.45
C ASP B 77 -27.65 1.16 -4.83
N ILE B 78 -26.91 0.54 -3.92
CA ILE B 78 -25.90 1.21 -3.12
C ILE B 78 -24.58 0.47 -3.25
N LEU B 79 -23.49 1.23 -3.32
CA LEU B 79 -22.15 0.68 -3.20
C LEU B 79 -21.53 1.23 -1.92
N LEU B 80 -21.30 0.34 -0.96
CA LEU B 80 -20.54 0.65 0.25
C LEU B 80 -19.10 0.24 0.03
N ALA B 81 -18.18 1.19 0.09
CA ALA B 81 -16.76 0.93 -0.14
C ALA B 81 -16.01 0.93 1.18
N VAL B 82 -15.40 -0.20 1.53
CA VAL B 82 -14.58 -0.29 2.74
C VAL B 82 -13.20 0.26 2.40
N LEU B 83 -12.86 1.42 2.98
CA LEU B 83 -11.60 2.13 2.75
C LEU B 83 -10.46 1.72 3.70
N ASP B 84 -10.64 0.76 4.60
CA ASP B 84 -9.56 0.46 5.52
C ASP B 84 -8.38 -0.19 4.79
N GLY B 85 -7.19 -0.08 5.38
CA GLY B 85 -6.06 -0.77 4.81
C GLY B 85 -4.78 0.05 4.77
N ALA B 86 -3.65 -0.58 4.54
CA ALA B 86 -2.44 0.23 4.37
C ALA B 86 -2.59 1.11 3.14
N CYS B 87 -3.35 0.66 2.17
CA CYS B 87 -3.83 1.55 1.15
C CYS B 87 -5.24 1.12 0.78
N ILE B 88 -5.94 2.00 0.12
CA ILE B 88 -7.27 1.66 -0.32
C ILE B 88 -7.12 0.62 -1.43
N ASP B 89 -7.83 -0.50 -1.31
CA ASP B 89 -7.66 -1.59 -2.25
C ASP B 89 -8.01 -1.16 -3.68
N ASP B 90 -7.30 -1.68 -4.68
CA ASP B 90 -7.56 -1.12 -6.00
C ASP B 90 -8.86 -1.66 -6.57
N GLY B 91 -9.16 -2.94 -6.33
CA GLY B 91 -10.48 -3.46 -6.68
C GLY B 91 -11.61 -2.61 -6.13
N VAL B 92 -11.52 -2.24 -4.85
CA VAL B 92 -12.57 -1.41 -4.25
C VAL B 92 -12.67 -0.07 -4.98
N ALA B 93 -11.52 0.59 -5.25
CA ALA B 93 -11.52 1.90 -5.89
C ALA B 93 -12.12 1.82 -7.29
N PHE B 94 -11.69 0.83 -8.06
CA PHE B 94 -12.28 0.62 -9.37
C PHE B 94 -13.80 0.48 -9.25
N GLU B 95 -14.25 -0.35 -8.31
CA GLU B 95 -15.67 -0.62 -8.19
C GLU B 95 -16.42 0.64 -7.76
N LEU B 96 -15.80 1.43 -6.88
CA LEU B 96 -16.37 2.71 -6.47
C LEU B 96 -16.55 3.65 -7.65
N GLY B 97 -15.56 3.70 -8.55
CA GLY B 97 -15.66 4.59 -9.69
C GLY B 97 -16.65 4.09 -10.72
N TYR B 98 -16.71 2.78 -10.90
CA TYR B 98 -17.68 2.22 -11.82
C TYR B 98 -19.10 2.51 -11.34
N ALA B 99 -19.37 2.28 -10.04
CA ALA B 99 -20.71 2.46 -9.52
C ALA B 99 -21.12 3.92 -9.52
N LYS B 100 -20.16 4.82 -9.30
CA LYS B 100 -20.47 6.24 -9.42
C LYS B 100 -20.87 6.58 -10.84
N ALA B 101 -20.15 6.04 -11.83
CA ALA B 101 -20.47 6.43 -13.20
C ALA B 101 -21.79 5.86 -13.67
N ILE B 102 -22.31 4.79 -13.08
CA ILE B 102 -23.67 4.34 -13.46
C ILE B 102 -24.70 4.86 -12.46
N ASN B 103 -24.32 5.84 -11.63
CA ASN B 103 -25.22 6.63 -10.82
C ASN B 103 -25.81 5.85 -9.66
N LYS B 104 -25.04 4.93 -9.09
CA LYS B 104 -25.44 4.33 -7.83
C LYS B 104 -25.21 5.32 -6.69
N VAL B 105 -25.96 5.14 -5.60
CA VAL B 105 -25.59 5.78 -4.35
C VAL B 105 -24.29 5.17 -3.84
N CYS B 106 -23.30 6.03 -3.56
CA CYS B 106 -21.96 5.59 -3.18
C CYS B 106 -21.59 6.10 -1.79
N LEU B 107 -21.20 5.18 -0.91
CA LEU B 107 -20.85 5.48 0.47
C LEU B 107 -19.52 4.84 0.84
N GLY B 108 -18.83 5.45 1.81
CA GLY B 108 -17.60 4.89 2.34
C GLY B 108 -17.71 4.44 3.79
N PHE B 109 -17.00 3.37 4.12
CA PHE B 109 -16.82 2.90 5.50
C PHE B 109 -15.33 2.88 5.82
N GLN B 110 -14.95 3.62 6.86
CA GLN B 110 -13.55 3.88 7.17
C GLN B 110 -13.40 3.99 8.68
N THR B 111 -12.87 2.93 9.30
CA THR B 111 -12.45 2.93 10.70
C THR B 111 -10.94 3.09 10.86
N ASP B 112 -10.19 2.97 9.78
CA ASP B 112 -8.73 3.00 9.84
C ASP B 112 -8.22 4.39 10.20
N VAL B 113 -7.19 4.45 11.02
CA VAL B 113 -6.55 5.74 11.30
C VAL B 113 -5.68 6.23 10.12
N ARG B 114 -5.18 5.32 9.29
CA ARG B 114 -4.28 5.70 8.20
C ARG B 114 -5.02 6.44 7.09
N ARG B 115 -4.29 7.32 6.42
CA ARG B 115 -4.81 8.08 5.29
C ARG B 115 -3.76 8.14 4.18
N GLN B 116 -4.21 8.51 2.98
CA GLN B 116 -3.29 8.62 1.85
C GLN B 116 -2.23 9.69 2.13
N ALA B 117 -2.69 10.89 2.46
CA ALA B 117 -1.85 12.04 2.81
C ALA B 117 -2.42 12.66 4.06
N PRO B 118 -1.67 13.56 4.73
CA PRO B 118 -2.21 14.23 5.91
C PRO B 118 -3.55 14.91 5.64
N THR B 119 -3.82 15.27 4.39
CA THR B 119 -5.03 15.99 4.04
C THR B 119 -6.22 15.07 3.80
N GLY B 120 -6.11 13.79 4.16
CA GLY B 120 -7.22 12.86 4.05
C GLY B 120 -7.13 11.92 2.86
N ASN B 121 -8.28 11.35 2.50
CA ASN B 121 -8.35 10.45 1.37
C ASN B 121 -8.14 11.19 0.06
N ASN B 122 -7.83 10.43 -0.98
CA ASN B 122 -7.72 10.98 -2.32
C ASN B 122 -8.99 11.74 -2.68
N PRO B 123 -8.88 12.87 -3.39
CA PRO B 123 -10.08 13.60 -3.81
C PRO B 123 -11.09 12.77 -4.59
N MET B 124 -10.65 11.77 -5.35
CA MET B 124 -11.61 11.00 -6.11
C MET B 124 -12.38 10.00 -5.25
N ILE B 125 -11.83 9.63 -4.09
CA ILE B 125 -12.56 8.83 -3.11
C ILE B 125 -13.43 9.71 -2.23
N GLU B 126 -12.85 10.75 -1.64
CA GLU B 126 -13.57 11.62 -0.70
C GLU B 126 -14.77 12.29 -1.36
N CYS B 127 -14.63 12.71 -2.62
CA CYS B 127 -15.72 13.42 -3.27
C CYS B 127 -16.69 12.51 -4.02
N SER B 128 -16.38 11.24 -4.21
CA SER B 128 -17.41 10.40 -4.79
C SER B 128 -18.36 9.82 -3.73
N CYS B 129 -17.89 9.63 -2.50
CA CYS B 129 -18.76 9.14 -1.43
C CYS B 129 -19.65 10.28 -0.96
N GLU B 130 -20.97 10.08 -1.04
CA GLU B 130 -21.86 11.08 -0.44
C GLU B 130 -21.55 11.21 1.04
N GLU B 131 -21.30 10.08 1.71
CA GLU B 131 -20.92 10.06 3.11
C GLU B 131 -19.89 8.96 3.32
N ILE B 132 -18.89 9.25 4.14
CA ILE B 132 -17.97 8.25 4.67
C ILE B 132 -18.25 8.07 6.14
N PHE B 133 -18.52 6.84 6.56
CA PHE B 133 -18.88 6.55 7.94
C PHE B 133 -17.75 5.82 8.65
N SER B 134 -17.60 6.13 9.95
CA SER B 134 -16.64 5.47 10.82
C SER B 134 -17.29 4.43 11.72
N ASP B 135 -18.60 4.29 11.69
CA ASP B 135 -19.24 3.32 12.54
C ASP B 135 -20.54 2.88 11.88
N LEU B 136 -20.99 1.67 12.23
CA LEU B 136 -22.11 1.09 11.51
C LEU B 136 -23.43 1.78 11.86
N GLY B 137 -23.56 2.28 13.09
CA GLY B 137 -24.84 2.86 13.50
C GLY B 137 -25.19 4.12 12.71
N SER B 138 -24.23 5.03 12.57
CA SER B 138 -24.41 6.19 11.70
C SER B 138 -24.78 5.78 10.28
N LEU B 139 -24.11 4.75 9.75
CA LEU B 139 -24.46 4.26 8.42
C LEU B 139 -25.92 3.80 8.36
N LYS B 140 -26.39 3.13 9.42
CA LYS B 140 -27.75 2.61 9.41
C LYS B 140 -28.77 3.72 9.53
N LYS B 141 -28.52 4.71 10.39
CA LYS B 141 -29.48 5.80 10.50
C LYS B 141 -29.52 6.63 9.21
N TRP B 142 -28.35 6.95 8.66
CA TRP B 142 -28.31 7.67 7.39
C TRP B 142 -29.06 6.95 6.29
N LEU B 143 -29.03 5.62 6.31
CA LEU B 143 -29.70 4.86 5.27
C LEU B 143 -31.21 4.99 5.39
N GLN B 144 -31.72 5.01 6.63
CA GLN B 144 -33.16 5.04 6.85
C GLN B 144 -33.75 6.40 6.57
N GLN B 145 -32.97 7.48 6.80
CA GLN B 145 -33.46 8.80 6.43
C GLN B 145 -33.43 9.00 4.92
N LYS B 146 -32.41 8.46 4.23
CA LYS B 146 -32.38 8.55 2.77
C LYS B 146 -33.60 7.90 2.13
N TYR B 147 -34.20 6.92 2.79
CA TYR B 147 -35.37 6.23 2.25
C TYR B 147 -36.57 6.34 3.18
N SER C 5 15.41 -21.63 32.67
CA SER C 5 14.42 -21.82 31.63
C SER C 5 12.99 -21.57 32.15
N PHE C 6 12.39 -20.47 31.71
CA PHE C 6 11.00 -20.12 32.06
C PHE C 6 10.16 -19.98 30.79
N ARG C 7 9.16 -19.12 30.80
CA ARG C 7 8.37 -18.87 29.59
C ARG C 7 9.12 -17.92 28.66
N PRO C 8 9.23 -18.25 27.38
CA PRO C 8 9.92 -17.34 26.44
C PRO C 8 9.15 -16.03 26.28
N LYS C 9 9.90 -14.95 26.07
CA LYS C 9 9.33 -13.62 25.92
C LYS C 9 9.10 -13.33 24.43
N LEU C 10 7.86 -13.03 24.06
CA LEU C 10 7.48 -12.87 22.66
C LEU C 10 6.90 -11.48 22.40
N TYR C 11 7.47 -10.80 21.42
CA TYR C 11 7.04 -9.48 20.97
C TYR C 11 6.16 -9.64 19.72
N LEU C 12 4.92 -9.19 19.79
CA LEU C 12 4.05 -9.27 18.62
C LEU C 12 4.18 -7.96 17.86
N ALA C 13 4.91 -8.00 16.75
CA ALA C 13 5.00 -6.86 15.83
C ALA C 13 3.87 -7.00 14.80
N ALA C 14 2.88 -6.11 14.85
CA ALA C 14 1.70 -6.22 14.00
C ALA C 14 1.12 -4.84 13.75
N PRO C 15 0.48 -4.63 12.59
CA PRO C 15 -0.30 -3.41 12.40
C PRO C 15 -1.50 -3.40 13.34
N LEU C 16 -1.81 -2.21 13.84
CA LEU C 16 -2.81 -2.01 14.88
C LEU C 16 -3.63 -0.76 14.57
N PHE C 17 -3.94 -0.55 13.30
CA PHE C 17 -4.54 0.70 12.84
C PHE C 17 -6.05 0.67 12.75
N ASN C 18 -6.68 -0.49 12.96
CA ASN C 18 -8.13 -0.54 13.00
C ASN C 18 -8.55 -1.69 13.91
N GLU C 19 -9.83 -1.64 14.32
CA GLU C 19 -10.34 -2.59 15.30
C GLU C 19 -10.20 -4.03 14.83
N ALA C 20 -10.32 -4.28 13.52
CA ALA C 20 -10.09 -5.64 13.03
C ALA C 20 -8.64 -6.07 13.25
N GLU C 21 -7.69 -5.19 12.96
CA GLU C 21 -6.30 -5.52 13.24
C GLU C 21 -6.07 -5.68 14.74
N LYS C 22 -6.64 -4.78 15.55
CA LYS C 22 -6.43 -4.86 17.00
C LYS C 22 -7.05 -6.12 17.58
N GLU C 23 -8.24 -6.49 17.11
CA GLU C 23 -8.87 -7.71 17.60
C GLU C 23 -8.06 -8.93 17.20
N SER C 24 -7.65 -8.99 15.94
CA SER C 24 -6.86 -10.10 15.44
C SER C 24 -5.56 -10.27 16.23
N ASN C 25 -4.95 -9.15 16.65
CA ASN C 25 -3.75 -9.24 17.50
C ASN C 25 -4.09 -9.88 18.85
N ARG C 26 -5.19 -9.42 19.48
CA ARG C 26 -5.64 -9.99 20.73
C ARG C 26 -5.84 -11.49 20.60
N ASN C 27 -6.34 -11.94 19.44
CA ASN C 27 -6.54 -13.36 19.20
C ASN C 27 -5.21 -14.10 19.06
N ILE C 28 -4.20 -13.47 18.50
CA ILE C 28 -2.89 -14.11 18.44
C ILE C 28 -2.32 -14.24 19.85
N ARG C 29 -2.46 -13.17 20.64
CA ARG C 29 -1.93 -13.17 22.00
C ARG C 29 -2.60 -14.22 22.87
N ASP C 30 -3.94 -14.28 22.81
CA ASP C 30 -4.69 -15.26 23.61
C ASP C 30 -4.33 -16.68 23.24
N SER C 31 -4.11 -16.94 21.96
CA SER C 31 -3.71 -18.27 21.51
C SER C 31 -2.33 -18.65 22.01
N LEU C 32 -1.49 -17.67 22.32
CA LEU C 32 -0.10 -17.94 22.66
C LEU C 32 0.18 -17.85 24.15
N ILE C 33 -0.77 -17.35 24.94
CA ILE C 33 -0.48 -17.03 26.33
C ILE C 33 -0.23 -18.26 27.20
N ASP C 34 -0.50 -19.47 26.69
CA ASP C 34 -0.09 -20.66 27.43
C ASP C 34 1.37 -20.99 27.16
N CYS C 35 1.84 -20.78 25.93
CA CYS C 35 3.23 -21.05 25.59
C CYS C 35 4.14 -20.00 26.18
N CYS C 36 3.86 -18.73 25.90
CA CYS C 36 4.83 -17.67 25.97
C CYS C 36 4.18 -16.45 26.60
N ASP C 37 5.00 -15.49 27.02
CA ASP C 37 4.52 -14.22 27.52
C ASP C 37 4.65 -13.19 26.41
N VAL C 38 3.55 -12.52 26.08
CA VAL C 38 3.41 -11.75 24.85
C VAL C 38 3.36 -10.28 25.18
N PHE C 39 4.31 -9.52 24.65
CA PHE C 39 4.16 -8.06 24.64
C PHE C 39 3.25 -7.67 23.48
N LEU C 40 2.18 -6.94 23.81
CA LEU C 40 1.21 -6.45 22.82
C LEU C 40 1.33 -4.94 22.73
N PRO C 41 1.94 -4.41 21.68
CA PRO C 41 2.16 -2.96 21.64
C PRO C 41 0.88 -2.15 21.68
N GLN C 42 -0.23 -2.68 21.17
CA GLN C 42 -1.47 -1.93 21.26
C GLN C 42 -1.98 -1.85 22.69
N GLU C 43 -1.62 -2.80 23.53
CA GLU C 43 -1.95 -2.79 24.95
C GLU C 43 -0.88 -2.14 25.81
N ASP C 44 0.22 -1.69 25.21
CA ASP C 44 1.27 -0.99 25.94
C ASP C 44 2.05 -0.04 25.04
N THR C 56 -0.78 16.81 25.55
CA THR C 56 0.52 16.16 25.38
C THR C 56 0.93 16.10 23.90
N PRO C 57 1.98 16.83 23.55
CA PRO C 57 2.37 16.99 22.14
C PRO C 57 2.72 15.67 21.47
N LEU C 58 2.81 15.72 20.13
CA LEU C 58 3.09 14.53 19.34
C LEU C 58 4.58 14.29 19.16
N LYS C 59 5.40 15.35 19.16
CA LYS C 59 6.85 15.16 19.08
C LYS C 59 7.37 14.37 20.27
N VAL C 60 6.75 14.53 21.44
CA VAL C 60 7.14 13.77 22.61
C VAL C 60 6.43 12.42 22.69
N ALA C 61 5.24 12.32 22.08
CA ALA C 61 4.53 11.05 22.08
C ALA C 61 5.19 10.03 21.16
N GLU C 62 5.83 10.49 20.08
CA GLU C 62 6.53 9.56 19.19
C GLU C 62 7.69 8.89 19.92
N LYS C 63 8.62 9.69 20.46
CA LYS C 63 9.81 9.12 21.08
C LYS C 63 9.46 8.25 22.28
N SER C 64 8.31 8.49 22.90
CA SER C 64 7.89 7.66 24.03
C SER C 64 7.45 6.28 23.56
N ILE C 65 6.56 6.23 22.56
CA ILE C 65 6.21 4.96 21.93
C ILE C 65 7.46 4.28 21.40
N TYR C 66 8.31 5.05 20.71
CA TYR C 66 9.54 4.52 20.17
C TYR C 66 10.37 3.87 21.27
N GLU C 67 10.70 4.64 22.31
CA GLU C 67 11.53 4.12 23.38
C GLU C 67 10.86 2.93 24.07
N ALA C 68 9.57 3.07 24.39
CA ALA C 68 8.84 1.93 24.95
C ALA C 68 9.04 0.68 24.09
N ASP C 69 8.74 0.78 22.80
CA ASP C 69 8.85 -0.37 21.90
C ASP C 69 10.28 -0.89 21.83
N ILE C 70 11.26 0.01 21.63
CA ILE C 70 12.65 -0.42 21.52
C ILE C 70 13.06 -1.20 22.76
N SER C 71 12.76 -0.66 23.93
CA SER C 71 13.15 -1.34 25.15
C SER C 71 12.45 -2.70 25.24
N ALA C 72 11.19 -2.76 24.82
CA ALA C 72 10.48 -4.02 24.86
C ALA C 72 11.01 -5.04 23.86
N MET C 73 11.54 -4.61 22.72
CA MET C 73 12.17 -5.61 21.86
C MET C 73 13.51 -6.07 22.43
N LYS C 74 14.22 -5.20 23.13
CA LYS C 74 15.50 -5.62 23.67
C LYS C 74 15.34 -6.67 24.75
N ASN C 75 14.26 -6.62 25.52
CA ASN C 75 13.99 -7.58 26.58
C ASN C 75 13.21 -8.78 26.07
N ALA C 76 12.99 -8.88 24.76
CA ALA C 76 12.25 -9.99 24.18
C ALA C 76 13.18 -11.13 23.81
N ASP C 77 12.61 -12.33 23.75
CA ASP C 77 13.30 -13.51 23.21
C ASP C 77 12.92 -13.74 21.76
N ILE C 78 11.62 -13.73 21.48
CA ILE C 78 11.06 -14.01 20.17
C ILE C 78 10.45 -12.72 19.62
N LEU C 79 10.65 -12.48 18.32
CA LEU C 79 9.86 -11.46 17.62
C LEU C 79 8.96 -12.17 16.62
N LEU C 80 7.66 -11.97 16.75
CA LEU C 80 6.68 -12.53 15.82
C LEU C 80 6.06 -11.39 15.03
N ALA C 81 6.27 -11.39 13.71
CA ALA C 81 5.88 -10.28 12.86
C ALA C 81 4.73 -10.73 11.95
N VAL C 82 3.56 -10.13 12.11
CA VAL C 82 2.46 -10.50 11.23
C VAL C 82 2.61 -9.72 9.92
N LEU C 83 2.63 -10.44 8.81
CA LEU C 83 2.96 -9.82 7.54
C LEU C 83 1.75 -9.42 6.71
N ASP C 84 0.53 -9.69 7.17
CA ASP C 84 -0.67 -9.44 6.37
C ASP C 84 -0.84 -7.94 6.05
N GLY C 85 -1.61 -7.67 5.01
CA GLY C 85 -1.93 -6.30 4.62
C GLY C 85 -1.69 -6.06 3.14
N ALA C 86 -2.21 -4.91 2.68
CA ALA C 86 -1.90 -4.47 1.32
C ALA C 86 -0.41 -4.23 1.15
N CYS C 87 0.26 -3.75 2.22
CA CYS C 87 1.72 -3.69 2.34
C CYS C 87 2.08 -4.26 3.70
N ILE C 88 3.28 -4.83 3.80
CA ILE C 88 3.81 -5.14 5.12
C ILE C 88 4.01 -3.83 5.85
N ASP C 89 3.50 -3.73 7.07
CA ASP C 89 3.56 -2.45 7.76
C ASP C 89 5.03 -2.02 7.95
N ASP C 90 5.28 -0.72 7.92
CA ASP C 90 6.67 -0.28 7.98
C ASP C 90 7.23 -0.39 9.40
N GLY C 91 6.40 -0.13 10.41
CA GLY C 91 6.82 -0.38 11.77
C GLY C 91 7.17 -1.83 12.02
N VAL C 92 6.31 -2.74 11.55
CA VAL C 92 6.61 -4.17 11.67
C VAL C 92 7.94 -4.48 11.02
N ALA C 93 8.15 -3.95 9.81
CA ALA C 93 9.39 -4.19 9.10
C ALA C 93 10.60 -3.60 9.83
N PHE C 94 10.44 -2.40 10.41
CA PHE C 94 11.51 -1.83 11.21
C PHE C 94 11.82 -2.73 12.41
N GLU C 95 10.79 -3.19 13.10
CA GLU C 95 10.99 -3.98 14.32
C GLU C 95 11.60 -5.33 13.99
N LEU C 96 11.17 -5.95 12.88
CA LEU C 96 11.77 -7.20 12.43
C LEU C 96 13.27 -7.04 12.24
N GLY C 97 13.69 -6.03 11.48
CA GLY C 97 15.11 -5.85 11.23
C GLY C 97 15.89 -5.46 12.47
N TYR C 98 15.29 -4.62 13.32
CA TYR C 98 15.94 -4.25 14.57
C TYR C 98 16.11 -5.46 15.48
N ALA C 99 15.10 -6.34 15.52
CA ALA C 99 15.23 -7.54 16.36
C ALA C 99 16.22 -8.51 15.77
N LYS C 100 16.29 -8.63 14.45
CA LYS C 100 17.23 -9.57 13.85
C LYS C 100 18.67 -9.12 14.11
N ALA C 101 18.93 -7.82 14.09
CA ALA C 101 20.30 -7.35 14.28
C ALA C 101 20.81 -7.56 15.71
N ILE C 102 19.92 -7.76 16.67
CA ILE C 102 20.36 -8.05 18.02
C ILE C 102 20.09 -9.51 18.39
N ASN C 103 19.74 -10.32 17.39
CA ASN C 103 19.81 -11.78 17.48
C ASN C 103 18.72 -12.36 18.38
N LYS C 104 17.51 -11.85 18.23
CA LYS C 104 16.34 -12.56 18.69
C LYS C 104 15.95 -13.61 17.66
N VAL C 105 15.10 -14.55 18.08
CA VAL C 105 14.48 -15.44 17.10
C VAL C 105 13.36 -14.69 16.41
N CYS C 106 13.42 -14.62 15.09
CA CYS C 106 12.48 -13.84 14.30
C CYS C 106 11.61 -14.78 13.49
N LEU C 107 10.29 -14.64 13.63
CA LEU C 107 9.33 -15.48 12.96
C LEU C 107 8.25 -14.60 12.32
N GLY C 108 7.69 -15.09 11.21
CA GLY C 108 6.61 -14.40 10.52
C GLY C 108 5.29 -15.14 10.66
N PHE C 109 4.20 -14.39 10.65
CA PHE C 109 2.85 -14.93 10.63
C PHE C 109 2.12 -14.29 9.47
N GLN C 110 1.58 -15.10 8.57
CA GLN C 110 1.11 -14.60 7.29
C GLN C 110 -0.09 -15.45 6.85
N THR C 111 -1.28 -14.85 6.87
CA THR C 111 -2.47 -15.44 6.29
C THR C 111 -2.91 -14.77 5.00
N ASP C 112 -2.34 -13.61 4.68
CA ASP C 112 -2.74 -12.86 3.49
C ASP C 112 -2.36 -13.64 2.22
N VAL C 113 -3.27 -13.70 1.26
CA VAL C 113 -2.90 -14.26 -0.04
C VAL C 113 -2.01 -13.31 -0.84
N ARG C 114 -1.84 -12.06 -0.40
CA ARG C 114 -1.03 -11.10 -1.14
C ARG C 114 0.46 -11.26 -0.83
N ARG C 115 1.29 -10.92 -1.82
CA ARG C 115 2.73 -10.89 -1.67
C ARG C 115 3.28 -9.62 -2.34
N GLN C 116 4.57 -9.35 -2.13
CA GLN C 116 5.21 -8.18 -2.75
C GLN C 116 5.30 -8.35 -4.26
N ALA C 117 5.97 -9.39 -4.71
CA ALA C 117 6.11 -9.74 -6.11
C ALA C 117 5.44 -11.06 -6.38
N PRO C 118 5.31 -11.47 -7.65
CA PRO C 118 4.84 -12.84 -7.92
C PRO C 118 5.86 -13.88 -7.53
N THR C 119 6.90 -13.49 -6.78
CA THR C 119 7.90 -14.40 -6.25
C THR C 119 7.89 -14.45 -4.73
N GLY C 120 6.90 -13.84 -4.08
CA GLY C 120 6.78 -13.93 -2.64
C GLY C 120 7.21 -12.66 -1.92
N ASN C 121 7.62 -12.79 -0.66
CA ASN C 121 7.95 -11.62 0.13
C ASN C 121 9.27 -11.01 -0.34
N ASN C 122 9.47 -9.75 0.06
CA ASN C 122 10.78 -9.13 -0.12
C ASN C 122 11.83 -10.01 0.57
N PRO C 123 12.96 -10.28 -0.07
CA PRO C 123 13.93 -11.25 0.51
C PRO C 123 14.47 -10.85 1.87
N MET C 124 14.49 -9.56 2.20
CA MET C 124 14.89 -9.14 3.54
C MET C 124 13.97 -9.73 4.59
N ILE C 125 12.67 -9.83 4.24
CA ILE C 125 11.64 -10.42 5.10
C ILE C 125 11.70 -11.94 5.06
N GLU C 126 11.82 -12.50 3.85
CA GLU C 126 11.69 -13.95 3.69
C GLU C 126 12.84 -14.69 4.38
N CYS C 127 14.07 -14.30 4.10
CA CYS C 127 15.22 -14.90 4.77
C CYS C 127 15.42 -14.35 6.17
N SER C 128 14.87 -13.17 6.48
CA SER C 128 14.97 -12.62 7.83
C SER C 128 14.18 -13.48 8.81
N CYS C 129 13.00 -13.94 8.42
CA CYS C 129 12.24 -14.84 9.28
C CYS C 129 12.80 -16.25 9.18
N GLU C 130 12.87 -16.92 10.34
CA GLU C 130 13.34 -18.31 10.36
C GLU C 130 12.29 -19.25 9.80
N GLU C 131 11.03 -18.99 10.12
CA GLU C 131 9.90 -19.68 9.50
C GLU C 131 8.75 -18.71 9.44
N ILE C 132 7.82 -18.93 8.50
CA ILE C 132 6.61 -18.13 8.40
C ILE C 132 5.43 -19.08 8.43
N PHE C 133 4.51 -18.84 9.35
CA PHE C 133 3.38 -19.73 9.57
C PHE C 133 2.08 -19.09 9.09
N SER C 134 1.13 -19.95 8.73
CA SER C 134 -0.22 -19.53 8.39
C SER C 134 -1.27 -19.96 9.39
N ASP C 135 -0.92 -20.83 10.34
CA ASP C 135 -1.79 -21.19 11.46
C ASP C 135 -1.11 -20.80 12.77
N LEU C 136 -1.92 -20.37 13.74
CA LEU C 136 -1.43 -20.35 15.10
C LEU C 136 -1.15 -21.77 15.58
N GLY C 137 -1.85 -22.76 15.02
CA GLY C 137 -1.60 -24.14 15.35
C GLY C 137 -0.15 -24.50 15.12
N SER C 138 0.27 -24.45 13.85
CA SER C 138 1.61 -24.90 13.49
C SER C 138 2.69 -24.10 14.21
N LEU C 139 2.45 -22.82 14.49
CA LEU C 139 3.48 -21.98 15.10
C LEU C 139 3.78 -22.43 16.52
N LYS C 140 2.73 -22.66 17.32
CA LYS C 140 3.00 -23.07 18.69
C LYS C 140 3.65 -24.44 18.75
N LYS C 141 3.30 -25.32 17.80
CA LYS C 141 3.94 -26.64 17.75
C LYS C 141 5.43 -26.53 17.47
N TRP C 142 5.80 -25.63 16.55
CA TRP C 142 7.20 -25.37 16.26
C TRP C 142 7.98 -24.97 17.50
N LEU C 143 7.39 -24.07 18.30
CA LEU C 143 8.11 -23.53 19.45
C LEU C 143 8.36 -24.60 20.52
N GLN C 144 7.35 -25.43 20.84
CA GLN C 144 7.57 -26.51 21.80
C GLN C 144 8.64 -27.47 21.29
N GLN C 145 8.46 -27.99 20.08
CA GLN C 145 9.45 -28.85 19.45
C GLN C 145 10.78 -28.14 19.22
N LYS C 146 10.86 -26.84 19.48
CA LYS C 146 12.12 -26.11 19.48
C LYS C 146 12.76 -26.07 20.87
N TYR C 147 11.97 -25.76 21.91
CA TYR C 147 12.53 -25.52 23.23
C TYR C 147 12.57 -26.77 24.11
N ASN C 148 11.54 -27.60 24.07
CA ASN C 148 11.45 -28.79 24.92
C ASN C 148 11.57 -28.43 26.40
N ARG D 7 35.14 11.23 4.05
CA ARG D 7 34.57 10.41 2.99
C ARG D 7 33.84 9.16 3.55
N PRO D 8 32.72 9.36 4.23
CA PRO D 8 32.00 8.21 4.83
C PRO D 8 31.43 7.29 3.77
N LYS D 9 31.14 6.07 4.21
CA LYS D 9 30.49 5.06 3.37
C LYS D 9 29.00 5.07 3.66
N LEU D 10 28.19 5.14 2.60
CA LEU D 10 26.76 5.38 2.69
C LEU D 10 26.01 4.27 1.98
N TYR D 11 24.97 3.75 2.64
CA TYR D 11 24.11 2.70 2.11
C TYR D 11 22.74 3.30 1.78
N LEU D 12 22.35 3.24 0.51
CA LEU D 12 21.04 3.74 0.08
C LEU D 12 20.00 2.64 0.24
N ALA D 13 19.08 2.83 1.19
CA ALA D 13 17.91 1.97 1.33
C ALA D 13 16.80 2.53 0.44
N ALA D 14 16.53 1.83 -0.67
CA ALA D 14 15.61 2.39 -1.67
C ALA D 14 14.79 1.35 -2.42
N PRO D 15 13.48 1.58 -2.60
CA PRO D 15 12.74 0.75 -3.56
C PRO D 15 13.36 0.86 -4.94
N LEU D 16 13.25 -0.22 -5.69
CA LEU D 16 14.00 -0.38 -6.93
C LEU D 16 13.22 -1.29 -7.90
N PHE D 17 11.89 -1.17 -7.89
CA PHE D 17 11.01 -2.08 -8.61
C PHE D 17 10.52 -1.55 -9.95
N ASN D 18 10.73 -0.27 -10.26
CA ASN D 18 10.49 0.24 -11.63
C ASN D 18 11.58 1.24 -11.97
N GLU D 19 11.69 1.57 -13.25
CA GLU D 19 12.83 2.36 -13.72
C GLU D 19 12.73 3.82 -13.29
N ALA D 20 11.54 4.31 -12.95
CA ALA D 20 11.45 5.61 -12.30
C ALA D 20 12.13 5.59 -10.93
N GLU D 21 11.84 4.57 -10.12
CA GLU D 21 12.50 4.47 -8.83
C GLU D 21 14.02 4.32 -8.97
N LYS D 22 14.47 3.53 -9.96
CA LYS D 22 15.89 3.25 -10.07
C LYS D 22 16.65 4.47 -10.57
N GLU D 23 16.10 5.13 -11.60
CA GLU D 23 16.69 6.37 -12.07
C GLU D 23 16.74 7.40 -10.95
N SER D 24 15.66 7.50 -10.18
CA SER D 24 15.64 8.45 -9.09
C SER D 24 16.73 8.14 -8.06
N ASN D 25 17.02 6.86 -7.83
CA ASN D 25 18.08 6.46 -6.90
C ASN D 25 19.44 6.98 -7.38
N ARG D 26 19.77 6.74 -8.64
CA ARG D 26 21.05 7.16 -9.15
C ARG D 26 21.19 8.68 -9.16
N ASN D 27 20.06 9.41 -9.21
CA ASN D 27 20.10 10.86 -9.06
C ASN D 27 20.55 11.24 -7.64
N ILE D 28 20.14 10.47 -6.65
CA ILE D 28 20.61 10.75 -5.29
C ILE D 28 22.09 10.42 -5.19
N ARG D 29 22.48 9.25 -5.70
CA ARG D 29 23.83 8.76 -5.49
C ARG D 29 24.84 9.59 -6.29
N ASP D 30 24.49 9.97 -7.52
CA ASP D 30 25.35 10.87 -8.27
C ASP D 30 25.42 12.24 -7.61
N SER D 31 24.37 12.63 -6.88
CA SER D 31 24.37 13.93 -6.21
C SER D 31 25.39 13.99 -5.08
N LEU D 32 25.65 12.87 -4.41
CA LEU D 32 26.44 12.87 -3.18
C LEU D 32 27.84 12.29 -3.35
N ILE D 33 28.25 11.94 -4.56
CA ILE D 33 29.48 11.18 -4.79
C ILE D 33 30.70 12.09 -4.71
N ASP D 34 30.48 13.37 -4.37
CA ASP D 34 31.58 14.27 -4.05
C ASP D 34 31.83 14.35 -2.55
N CYS D 35 30.81 14.08 -1.74
CA CYS D 35 30.95 13.97 -0.29
C CYS D 35 31.33 12.57 0.16
N CYS D 36 30.55 11.58 -0.29
CA CYS D 36 30.48 10.28 0.36
C CYS D 36 30.49 9.18 -0.69
N ASP D 37 31.05 8.03 -0.32
CA ASP D 37 30.88 6.83 -1.13
C ASP D 37 29.47 6.30 -0.90
N VAL D 38 28.87 5.77 -1.96
CA VAL D 38 27.49 5.27 -1.89
C VAL D 38 27.45 3.84 -2.39
N PHE D 39 26.78 2.98 -1.63
CA PHE D 39 26.46 1.62 -2.06
C PHE D 39 25.02 1.62 -2.55
N LEU D 40 24.81 1.20 -3.81
CA LEU D 40 23.48 1.08 -4.40
C LEU D 40 23.11 -0.39 -4.50
N PRO D 41 22.08 -0.85 -3.78
CA PRO D 41 21.71 -2.27 -3.92
C PRO D 41 21.26 -2.63 -5.32
N GLN D 42 20.73 -1.67 -6.09
CA GLN D 42 20.31 -1.96 -7.46
C GLN D 42 21.50 -2.02 -8.42
N GLU D 43 22.64 -1.45 -8.04
CA GLU D 43 23.82 -1.49 -8.90
C GLU D 43 24.78 -2.61 -8.52
N ASP D 44 24.90 -2.94 -7.23
CA ASP D 44 25.95 -3.83 -6.78
C ASP D 44 25.42 -5.19 -6.36
N LYS D 59 14.89 -19.58 -3.65
CA LYS D 59 15.32 -20.29 -2.44
C LYS D 59 16.68 -19.80 -1.98
N VAL D 60 17.69 -20.07 -2.79
CA VAL D 60 19.04 -19.60 -2.50
C VAL D 60 19.34 -18.26 -3.16
N ALA D 61 18.64 -17.92 -4.27
CA ALA D 61 18.80 -16.61 -4.87
C ALA D 61 18.49 -15.51 -3.86
N GLU D 62 17.39 -15.64 -3.14
CA GLU D 62 17.05 -14.68 -2.09
C GLU D 62 18.07 -14.71 -0.95
N LYS D 63 18.60 -15.90 -0.61
CA LYS D 63 19.58 -15.98 0.45
C LYS D 63 20.84 -15.18 0.13
N SER D 64 21.34 -15.34 -1.11
CA SER D 64 22.50 -14.55 -1.51
C SER D 64 22.18 -13.06 -1.48
N ILE D 65 20.99 -12.68 -1.98
CA ILE D 65 20.58 -11.28 -1.91
C ILE D 65 20.56 -10.81 -0.47
N TYR D 66 20.00 -11.62 0.41
CA TYR D 66 20.02 -11.30 1.83
C TYR D 66 21.46 -11.12 2.33
N GLU D 67 22.27 -12.16 2.24
CA GLU D 67 23.60 -12.13 2.86
C GLU D 67 24.42 -10.93 2.43
N ALA D 68 24.25 -10.49 1.18
CA ALA D 68 25.07 -9.41 0.66
C ALA D 68 24.60 -8.04 1.14
N ASP D 69 23.29 -7.85 1.28
CA ASP D 69 22.78 -6.57 1.74
C ASP D 69 23.15 -6.30 3.19
N ILE D 70 23.16 -7.34 4.03
CA ILE D 70 23.53 -7.13 5.42
C ILE D 70 25.03 -6.84 5.54
N SER D 71 25.87 -7.62 4.84
CA SER D 71 27.30 -7.35 4.95
C SER D 71 27.65 -5.99 4.36
N ALA D 72 26.91 -5.53 3.36
CA ALA D 72 27.13 -4.17 2.86
C ALA D 72 26.63 -3.14 3.87
N MET D 73 25.48 -3.41 4.48
CA MET D 73 24.99 -2.55 5.54
C MET D 73 25.99 -2.45 6.68
N LYS D 74 26.66 -3.57 6.99
CA LYS D 74 27.66 -3.57 8.05
C LYS D 74 28.82 -2.64 7.74
N ASN D 75 29.30 -2.67 6.50
CA ASN D 75 30.45 -1.87 6.09
C ASN D 75 30.11 -0.41 5.89
N ALA D 76 28.85 -0.02 5.98
CA ALA D 76 28.46 1.37 5.77
C ALA D 76 28.59 2.16 7.06
N ASP D 77 28.87 3.45 6.92
CA ASP D 77 28.79 4.36 8.05
C ASP D 77 27.37 4.86 8.26
N ILE D 78 26.65 5.09 7.15
CA ILE D 78 25.39 5.80 7.12
C ILE D 78 24.38 4.94 6.36
N LEU D 79 23.17 4.85 6.92
CA LEU D 79 22.00 4.33 6.21
C LEU D 79 21.09 5.50 5.92
N LEU D 80 20.86 5.77 4.64
CA LEU D 80 19.87 6.77 4.23
C LEU D 80 18.74 6.02 3.55
N ALA D 81 17.54 6.16 4.10
CA ALA D 81 16.36 5.42 3.65
C ALA D 81 15.43 6.39 2.94
N VAL D 82 15.20 6.17 1.65
CA VAL D 82 14.21 6.99 0.96
C VAL D 82 12.83 6.44 1.28
N LEU D 83 11.97 7.33 1.75
CA LEU D 83 10.67 6.97 2.28
C LEU D 83 9.54 7.15 1.29
N ASP D 84 9.82 7.63 0.08
CA ASP D 84 8.74 7.92 -0.87
C ASP D 84 8.07 6.61 -1.29
N GLY D 85 6.86 6.72 -1.83
CA GLY D 85 6.09 5.53 -2.14
C GLY D 85 4.67 5.58 -1.60
N ALA D 86 3.76 4.74 -2.12
CA ALA D 86 2.44 4.65 -1.51
C ALA D 86 2.52 3.95 -0.16
N CYS D 87 3.51 3.07 0.03
CA CYS D 87 3.95 2.60 1.32
C CYS D 87 5.44 2.88 1.46
N ILE D 88 5.90 3.09 2.68
CA ILE D 88 7.32 2.96 2.91
C ILE D 88 7.67 1.49 2.66
N ASP D 89 8.66 1.24 1.80
CA ASP D 89 8.95 -0.13 1.40
C ASP D 89 9.41 -0.96 2.59
N ASP D 90 8.91 -2.20 2.65
CA ASP D 90 9.28 -3.09 3.76
C ASP D 90 10.76 -3.41 3.75
N GLY D 91 11.34 -3.61 2.56
CA GLY D 91 12.77 -3.85 2.50
C GLY D 91 13.57 -2.68 3.05
N VAL D 92 13.22 -1.47 2.63
CA VAL D 92 13.87 -0.29 3.17
C VAL D 92 13.74 -0.24 4.69
N ALA D 93 12.52 -0.43 5.20
CA ALA D 93 12.28 -0.34 6.64
C ALA D 93 13.02 -1.42 7.41
N PHE D 94 13.05 -2.64 6.88
CA PHE D 94 13.85 -3.69 7.50
C PHE D 94 15.27 -3.21 7.73
N GLU D 95 15.87 -2.64 6.67
CA GLU D 95 17.27 -2.26 6.75
C GLU D 95 17.47 -1.04 7.64
N LEU D 96 16.53 -0.08 7.59
CA LEU D 96 16.53 0.99 8.57
C LEU D 96 16.63 0.45 10.00
N GLY D 97 15.71 -0.46 10.37
CA GLY D 97 15.75 -1.03 11.71
C GLY D 97 17.04 -1.75 11.99
N TYR D 98 17.46 -2.64 11.09
CA TYR D 98 18.74 -3.31 11.27
C TYR D 98 19.88 -2.32 11.49
N ALA D 99 19.91 -1.25 10.68
CA ALA D 99 21.01 -0.29 10.75
C ALA D 99 20.98 0.50 12.05
N LYS D 100 19.78 0.87 12.53
CA LYS D 100 19.70 1.57 13.80
C LYS D 100 20.22 0.69 14.93
N ALA D 101 19.88 -0.60 14.91
CA ALA D 101 20.19 -1.49 16.03
C ALA D 101 21.70 -1.59 16.26
N ILE D 102 22.49 -1.63 15.19
CA ILE D 102 23.93 -1.76 15.33
C ILE D 102 24.62 -0.40 15.18
N ASN D 103 23.87 0.68 15.38
CA ASN D 103 24.40 2.01 15.71
C ASN D 103 24.99 2.74 14.52
N LYS D 104 24.31 2.70 13.38
CA LYS D 104 24.67 3.61 12.31
C LYS D 104 23.90 4.92 12.50
N VAL D 105 24.44 6.00 11.91
CA VAL D 105 23.62 7.19 11.77
C VAL D 105 22.60 6.95 10.67
N CYS D 106 21.33 7.06 11.01
CA CYS D 106 20.24 6.78 10.10
C CYS D 106 19.52 8.07 9.81
N LEU D 107 19.31 8.34 8.53
CA LEU D 107 18.64 9.54 8.05
C LEU D 107 17.61 9.15 7.00
N GLY D 108 16.66 10.05 6.79
CA GLY D 108 15.64 9.79 5.79
C GLY D 108 15.69 10.79 4.66
N PHE D 109 15.10 10.42 3.53
CA PHE D 109 14.88 11.33 2.41
C PHE D 109 13.44 11.14 1.94
N GLN D 110 12.64 12.18 2.07
CA GLN D 110 11.21 12.09 1.79
C GLN D 110 10.82 13.28 0.95
N THR D 111 10.47 13.02 -0.31
CA THR D 111 9.90 14.03 -1.20
C THR D 111 8.41 13.83 -1.40
N ASP D 112 7.94 12.62 -1.15
CA ASP D 112 6.54 12.27 -1.32
C ASP D 112 5.68 13.07 -0.35
N VAL D 113 4.54 13.56 -0.84
CA VAL D 113 3.57 14.24 0.02
C VAL D 113 2.67 13.24 0.74
N ARG D 114 2.95 11.93 0.59
CA ARG D 114 2.17 10.90 1.28
C ARG D 114 2.78 10.55 2.64
N ARG D 115 1.91 10.19 3.58
CA ARG D 115 2.29 9.75 4.91
C ARG D 115 1.43 8.54 5.29
N GLN D 116 1.94 7.76 6.26
CA GLN D 116 1.20 6.63 6.81
C GLN D 116 -0.13 7.07 7.39
N ALA D 117 -0.07 7.82 8.49
CA ALA D 117 -1.22 8.43 9.13
C ALA D 117 -1.21 9.93 8.86
N PRO D 118 -2.34 10.62 9.04
CA PRO D 118 -2.35 12.07 8.87
C PRO D 118 -1.53 12.82 9.91
N THR D 119 -0.71 12.09 10.68
CA THR D 119 0.16 12.67 11.69
C THR D 119 1.63 12.48 11.37
N GLY D 120 1.95 12.09 10.13
CA GLY D 120 3.30 11.82 9.72
C GLY D 120 3.61 10.34 9.59
N ASN D 121 4.90 10.05 9.55
CA ASN D 121 5.37 8.67 9.40
C ASN D 121 5.15 7.87 10.68
N ASN D 122 5.33 6.57 10.55
CA ASN D 122 5.31 5.68 11.70
C ASN D 122 6.38 6.11 12.70
N PRO D 123 6.07 6.10 14.01
CA PRO D 123 7.08 6.51 15.00
C PRO D 123 8.37 5.70 15.00
N MET D 124 8.32 4.41 14.64
CA MET D 124 9.56 3.66 14.49
C MET D 124 10.46 4.30 13.43
N ILE D 125 9.87 4.82 12.34
CA ILE D 125 10.63 5.45 11.28
C ILE D 125 11.10 6.84 11.70
N GLU D 126 10.16 7.68 12.15
CA GLU D 126 10.44 9.08 12.45
C GLU D 126 11.54 9.21 13.49
N CYS D 127 11.46 8.42 14.56
CA CYS D 127 12.37 8.59 15.69
C CYS D 127 13.68 7.83 15.55
N SER D 128 13.75 6.83 14.66
CA SER D 128 15.03 6.21 14.35
C SER D 128 15.86 7.06 13.38
N CYS D 129 15.21 7.86 12.54
CA CYS D 129 15.92 8.79 11.67
C CYS D 129 16.31 10.04 12.47
N GLU D 130 17.60 10.33 12.51
CA GLU D 130 18.06 11.55 13.17
C GLU D 130 17.48 12.78 12.50
N GLU D 131 17.43 12.79 11.17
CA GLU D 131 16.78 13.86 10.41
C GLU D 131 16.11 13.27 9.18
N ILE D 132 14.98 13.87 8.79
CA ILE D 132 14.26 13.52 7.57
C ILE D 132 14.42 14.68 6.59
N PHE D 133 15.02 14.41 5.43
CA PHE D 133 15.39 15.48 4.51
C PHE D 133 14.40 15.57 3.35
N SER D 134 14.08 16.81 2.99
CA SER D 134 13.13 17.10 1.94
C SER D 134 13.80 17.29 0.58
N ASP D 135 15.09 17.66 0.55
CA ASP D 135 15.82 17.82 -0.69
C ASP D 135 17.29 17.50 -0.46
N LEU D 136 18.01 17.19 -1.55
CA LEU D 136 19.40 16.76 -1.44
C LEU D 136 20.33 17.90 -1.06
N GLY D 137 19.93 19.15 -1.30
CA GLY D 137 20.74 20.27 -0.87
C GLY D 137 20.87 20.35 0.63
N SER D 138 19.79 20.03 1.35
CA SER D 138 19.84 20.02 2.81
C SER D 138 20.67 18.84 3.31
N LEU D 139 20.35 17.63 2.83
CA LEU D 139 21.13 16.46 3.20
C LEU D 139 22.61 16.71 2.98
N LYS D 140 22.98 17.15 1.76
CA LYS D 140 24.36 17.52 1.46
C LYS D 140 24.95 18.42 2.55
N LYS D 141 24.22 19.46 2.96
CA LYS D 141 24.75 20.42 3.91
C LYS D 141 24.83 19.83 5.32
N TRP D 142 23.90 18.97 5.70
CA TRP D 142 23.92 18.40 7.05
C TRP D 142 25.14 17.52 7.27
N LEU D 143 25.51 16.69 6.29
CA LEU D 143 26.69 15.85 6.46
C LEU D 143 27.99 16.66 6.46
N GLN D 144 27.96 17.92 6.05
CA GLN D 144 29.17 18.74 6.15
C GLN D 144 29.58 18.90 7.61
N GLN D 145 28.60 19.10 8.50
CA GLN D 145 28.91 19.30 9.90
C GLN D 145 29.39 18.00 10.56
N LYS D 146 28.77 16.87 10.21
CA LYS D 146 29.20 15.59 10.75
C LYS D 146 30.54 15.14 10.15
#